data_3BY9
#
_entry.id   3BY9
#
_cell.length_a   56.311
_cell.length_b   90.982
_cell.length_c   114.196
_cell.angle_alpha   90.00
_cell.angle_beta   90.00
_cell.angle_gamma   90.00
#
_symmetry.space_group_name_H-M   'P 21 21 21'
#
loop_
_entity.id
_entity.type
_entity.pdbx_description
1 polymer 'Sensor protein'
2 non-polymer 'CALCIUM ION'
3 non-polymer 'SUCCINIC ACID'
4 water water
#
_entity_poly.entity_id   1
_entity_poly.type   'polypeptide(L)'
_entity_poly.pdbx_seq_one_letter_code
;(MSE)RFQYQALLNEHQSQLDRFSSHIVATLDKYAHIPHLISKDKELVDALLSAQNSAQIDITNRYLEQVNEVIQAADTY
LIDRFGNTIASSNWNLDRSFIGRNFAWRPYFYLSIAGQKSQYFALGSTSGQRGYYYAYPVIYAAEILGVIVVK(MSE)DL
SAIEQGWQNKSSYFVATDDHQVVF(MSE)SSQPAWLFHSVADLSPAQLNDIRQSQQYLDSPIPSLGWQGDLQAEQSEWRK
PEKHWLQDDYIVSSRPLPELALTIRVLSPKIE
;
_entity_poly.pdbx_strand_id   A,B
#
loop_
_chem_comp.id
_chem_comp.type
_chem_comp.name
_chem_comp.formula
CA non-polymer 'CALCIUM ION' 'Ca 2'
SIN non-polymer 'SUCCINIC ACID' 'C4 H6 O4'
#
# COMPACT_ATOMS: atom_id res chain seq x y z
N MSE A 1 -32.80 -20.60 5.08
CA MSE A 1 -32.24 -19.45 4.32
C MSE A 1 -32.08 -19.80 2.86
O MSE A 1 -32.35 -18.96 1.99
CB MSE A 1 -30.92 -19.00 4.93
CG MSE A 1 -31.12 -18.26 6.25
SE MSE A 1 -32.47 -16.87 6.02
CE MSE A 1 -31.58 -15.88 4.61
N ARG A 2 -31.63 -21.02 2.57
CA ARG A 2 -31.49 -21.45 1.19
C ARG A 2 -32.89 -21.48 0.61
N PHE A 3 -33.90 -21.51 1.51
CA PHE A 3 -35.29 -21.50 1.06
C PHE A 3 -35.54 -20.09 0.56
N GLN A 4 -34.55 -19.21 0.78
CA GLN A 4 -34.65 -17.82 0.34
C GLN A 4 -33.69 -17.49 -0.82
N TYR A 5 -32.82 -18.42 -1.22
CA TYR A 5 -31.81 -18.13 -2.28
C TYR A 5 -32.47 -17.78 -3.63
N GLN A 6 -33.42 -18.59 -4.08
CA GLN A 6 -34.04 -18.26 -5.37
C GLN A 6 -34.76 -16.91 -5.33
N ALA A 7 -35.40 -16.60 -4.21
CA ALA A 7 -36.10 -15.33 -4.08
C ALA A 7 -35.10 -14.17 -4.14
N LEU A 8 -33.91 -14.37 -3.59
CA LEU A 8 -32.89 -13.32 -3.64
C LEU A 8 -32.44 -13.16 -5.11
N LEU A 9 -32.23 -14.28 -5.82
CA LEU A 9 -31.83 -14.12 -7.22
C LEU A 9 -32.91 -13.41 -8.02
N ASN A 10 -34.17 -13.67 -7.66
CA ASN A 10 -35.27 -13.02 -8.38
C ASN A 10 -35.25 -11.53 -8.12
N GLU A 11 -35.00 -11.14 -6.88
CA GLU A 11 -34.93 -9.72 -6.51
C GLU A 11 -33.74 -9.07 -7.19
N HIS A 12 -32.65 -9.81 -7.30
CA HIS A 12 -31.47 -9.27 -8.00
C HIS A 12 -31.87 -8.88 -9.42
N GLN A 13 -32.66 -9.73 -10.09
CA GLN A 13 -33.06 -9.43 -11.46
C GLN A 13 -33.83 -8.12 -11.53
N SER A 14 -34.66 -7.87 -10.52
N SER A 14 -34.66 -7.88 -10.51
CA SER A 14 -35.43 -6.62 -10.51
CA SER A 14 -35.43 -6.66 -10.45
C SER A 14 -34.52 -5.43 -10.22
C SER A 14 -34.51 -5.45 -10.23
N GLN A 15 -33.55 -5.62 -9.32
CA GLN A 15 -32.61 -4.53 -9.03
C GLN A 15 -31.82 -4.20 -10.27
N LEU A 16 -31.37 -5.23 -10.99
CA LEU A 16 -30.57 -4.98 -12.20
C LEU A 16 -31.45 -4.28 -13.25
N ASP A 17 -32.71 -4.67 -13.35
CA ASP A 17 -33.60 -4.02 -14.34
C ASP A 17 -33.72 -2.51 -14.00
N ARG A 18 -33.98 -2.22 -12.72
CA ARG A 18 -34.16 -0.83 -12.30
C ARG A 18 -32.87 0.01 -12.46
N PHE A 19 -31.74 -0.56 -12.07
CA PHE A 19 -30.50 0.19 -12.19
C PHE A 19 -30.06 0.35 -13.63
N SER A 20 -30.19 -0.72 -14.43
N SER A 20 -30.33 -0.65 -14.47
CA SER A 20 -29.79 -0.63 -15.83
CA SER A 20 -29.99 -0.56 -15.88
C SER A 20 -30.64 0.47 -16.48
C SER A 20 -30.82 0.58 -16.50
N SER A 21 -31.91 0.50 -16.12
N SER A 21 -32.09 0.63 -16.14
CA SER A 21 -32.81 1.52 -16.66
CA SER A 21 -32.99 1.66 -16.65
C SER A 21 -32.32 2.92 -16.30
C SER A 21 -32.49 3.04 -16.24
N HIS A 22 -31.94 3.11 -15.03
CA HIS A 22 -31.44 4.37 -14.54
C HIS A 22 -30.20 4.79 -15.33
N ILE A 23 -29.31 3.81 -15.53
CA ILE A 23 -28.08 4.10 -16.30
C ILE A 23 -28.41 4.58 -17.71
N VAL A 24 -29.25 3.83 -18.41
CA VAL A 24 -29.61 4.18 -19.79
C VAL A 24 -30.28 5.56 -19.85
N ALA A 25 -31.18 5.84 -18.91
CA ALA A 25 -31.90 7.12 -18.91
C ALA A 25 -30.95 8.28 -18.65
N THR A 26 -29.94 8.02 -17.81
CA THR A 26 -28.97 9.08 -17.45
C THR A 26 -28.04 9.33 -18.63
N LEU A 27 -27.52 8.25 -19.23
CA LEU A 27 -26.61 8.44 -20.37
C LEU A 27 -27.36 9.08 -21.59
N ASP A 28 -28.65 8.80 -21.71
CA ASP A 28 -29.45 9.32 -22.85
C ASP A 28 -29.51 10.84 -22.87
N LYS A 29 -29.23 11.48 -21.74
CA LYS A 29 -29.26 12.94 -21.70
C LYS A 29 -27.99 13.54 -22.31
N TYR A 30 -26.99 12.71 -22.54
CA TYR A 30 -25.71 13.22 -23.05
C TYR A 30 -25.27 12.61 -24.38
N ALA A 31 -25.75 11.41 -24.65
CA ALA A 31 -25.23 10.67 -25.81
C ALA A 31 -25.35 11.33 -27.17
N HIS A 32 -26.41 12.11 -27.35
CA HIS A 32 -26.69 12.70 -28.64
C HIS A 32 -26.14 14.11 -28.72
N ILE A 33 -25.54 14.60 -27.65
CA ILE A 33 -25.11 16.01 -27.70
C ILE A 33 -23.94 16.27 -28.65
N PRO A 34 -22.94 15.39 -28.71
CA PRO A 34 -21.83 15.66 -29.65
C PRO A 34 -22.37 15.79 -31.07
N HIS A 35 -23.27 14.90 -31.50
CA HIS A 35 -23.78 15.00 -32.88
C HIS A 35 -24.55 16.34 -33.01
N LEU A 36 -25.37 16.67 -31.99
CA LEU A 36 -26.19 17.88 -32.02
C LEU A 36 -25.39 19.14 -32.32
N ILE A 37 -24.23 19.28 -31.68
CA ILE A 37 -23.47 20.51 -31.88
C ILE A 37 -22.33 20.39 -32.84
N SER A 38 -22.07 19.18 -33.31
CA SER A 38 -20.88 18.95 -34.13
C SER A 38 -20.69 19.83 -35.33
N LYS A 39 -21.76 20.10 -36.06
CA LYS A 39 -21.61 20.93 -37.28
C LYS A 39 -21.93 22.41 -37.05
N ASP A 40 -22.15 22.76 -35.78
CA ASP A 40 -22.50 24.15 -35.48
C ASP A 40 -21.41 25.10 -35.95
N LYS A 41 -21.83 26.27 -36.43
CA LYS A 41 -20.85 27.24 -36.94
C LYS A 41 -19.65 27.52 -36.01
N GLU A 42 -19.92 27.69 -34.71
CA GLU A 42 -18.85 27.98 -33.77
C GLU A 42 -17.76 26.91 -33.77
N LEU A 43 -18.15 25.64 -33.90
CA LEU A 43 -17.15 24.57 -33.87
C LEU A 43 -16.41 24.50 -35.21
N VAL A 44 -17.15 24.55 -36.32
CA VAL A 44 -16.47 24.44 -37.61
C VAL A 44 -15.56 25.63 -37.83
N ASP A 45 -16.03 26.84 -37.50
CA ASP A 45 -15.19 28.00 -37.70
C ASP A 45 -13.88 27.94 -36.89
N ALA A 46 -13.96 27.39 -35.68
CA ALA A 46 -12.74 27.26 -34.89
C ALA A 46 -11.75 26.31 -35.55
N LEU A 47 -12.26 25.18 -36.05
CA LEU A 47 -11.37 24.20 -36.66
C LEU A 47 -10.76 24.78 -37.92
N LEU A 48 -11.50 25.65 -38.61
CA LEU A 48 -10.96 26.24 -39.84
C LEU A 48 -9.96 27.38 -39.57
N SER A 49 -10.00 28.00 -38.38
CA SER A 49 -9.07 29.09 -38.03
C SER A 49 -8.64 28.93 -36.59
N ALA A 50 -7.99 27.79 -36.33
CA ALA A 50 -7.64 27.46 -34.95
C ALA A 50 -6.68 28.42 -34.28
N GLN A 51 -5.90 29.17 -35.06
CA GLN A 51 -4.98 30.12 -34.46
C GLN A 51 -5.51 31.56 -34.43
N ASN A 52 -6.82 31.71 -34.63
CA ASN A 52 -7.48 33.03 -34.58
C ASN A 52 -8.02 33.15 -33.16
N SER A 53 -7.36 33.94 -32.31
CA SER A 53 -7.81 34.05 -30.93
C SER A 53 -9.22 34.56 -30.71
N ALA A 54 -9.70 35.47 -31.57
CA ALA A 54 -11.05 35.96 -31.39
C ALA A 54 -12.04 34.83 -31.64
N GLN A 55 -11.75 34.01 -32.64
CA GLN A 55 -12.64 32.86 -32.93
C GLN A 55 -12.62 31.84 -31.79
N ILE A 56 -11.44 31.55 -31.26
CA ILE A 56 -11.35 30.58 -30.18
C ILE A 56 -12.12 31.12 -28.99
N ASP A 57 -12.08 32.45 -28.79
N ASP A 57 -12.07 32.44 -28.76
CA ASP A 57 -12.82 33.06 -27.69
CA ASP A 57 -12.81 33.01 -27.64
C ASP A 57 -14.32 32.79 -27.85
C ASP A 57 -14.33 32.78 -27.85
N ILE A 58 -14.82 33.01 -29.05
CA ILE A 58 -16.25 32.77 -29.32
C ILE A 58 -16.57 31.29 -29.06
N THR A 59 -15.74 30.40 -29.59
CA THR A 59 -16.03 28.96 -29.46
C THR A 59 -15.94 28.45 -28.02
N ASN A 60 -14.94 28.94 -27.28
CA ASN A 60 -14.82 28.56 -25.88
C ASN A 60 -16.07 28.94 -25.09
N ARG A 61 -16.53 30.18 -25.29
CA ARG A 61 -17.71 30.66 -24.55
C ARG A 61 -18.95 29.90 -24.95
N TYR A 62 -19.02 29.50 -26.22
CA TYR A 62 -20.20 28.72 -26.67
C TYR A 62 -20.18 27.34 -26.02
N LEU A 63 -19.02 26.67 -26.03
CA LEU A 63 -18.95 25.32 -25.44
C LEU A 63 -19.23 25.41 -23.92
N GLU A 64 -18.82 26.52 -23.32
CA GLU A 64 -19.08 26.67 -21.89
C GLU A 64 -20.60 26.75 -21.65
N GLN A 65 -21.32 27.45 -22.54
CA GLN A 65 -22.78 27.60 -22.45
C GLN A 65 -23.45 26.25 -22.67
N VAL A 66 -23.00 25.54 -23.70
CA VAL A 66 -23.59 24.22 -23.94
C VAL A 66 -23.38 23.32 -22.74
N ASN A 67 -22.16 23.31 -22.23
CA ASN A 67 -21.80 22.43 -21.13
C ASN A 67 -22.70 22.69 -19.90
N GLU A 68 -22.99 23.97 -19.68
CA GLU A 68 -23.87 24.36 -18.54
C GLU A 68 -25.33 23.92 -18.80
N VAL A 69 -25.81 24.04 -20.04
CA VAL A 69 -27.19 23.60 -20.36
C VAL A 69 -27.37 22.09 -20.10
N ILE A 70 -26.41 21.30 -20.54
CA ILE A 70 -26.52 19.85 -20.38
C ILE A 70 -26.01 19.30 -19.08
N GLN A 71 -25.45 20.18 -18.28
CA GLN A 71 -24.86 19.82 -16.99
C GLN A 71 -23.86 18.67 -17.10
N ALA A 72 -22.93 18.80 -18.06
CA ALA A 72 -21.85 17.84 -18.20
C ALA A 72 -20.59 18.32 -17.47
N ALA A 73 -19.62 17.42 -17.35
CA ALA A 73 -18.37 17.85 -16.70
C ALA A 73 -17.60 18.73 -17.65
N ASP A 74 -17.41 18.30 -18.90
CA ASP A 74 -16.63 19.10 -19.85
C ASP A 74 -17.13 18.88 -21.26
N THR A 75 -16.98 19.89 -22.12
CA THR A 75 -17.41 19.75 -23.54
C THR A 75 -16.25 20.41 -24.28
N TYR A 76 -15.60 19.67 -25.20
CA TYR A 76 -14.38 20.23 -25.76
C TYR A 76 -14.16 19.77 -27.20
N LEU A 77 -13.50 20.64 -27.95
CA LEU A 77 -13.27 20.46 -29.39
C LEU A 77 -11.83 20.15 -29.69
N ILE A 78 -11.59 19.09 -30.47
CA ILE A 78 -10.24 18.64 -30.77
C ILE A 78 -9.96 18.72 -32.27
N ASP A 79 -8.77 19.20 -32.66
CA ASP A 79 -8.46 19.27 -34.08
C ASP A 79 -8.13 17.88 -34.65
N ARG A 80 -7.85 17.81 -35.93
CA ARG A 80 -7.67 16.49 -36.53
C ARG A 80 -6.36 15.81 -36.18
N PHE A 81 -5.53 16.52 -35.42
CA PHE A 81 -4.25 16.01 -34.96
C PHE A 81 -4.33 15.55 -33.50
N GLY A 82 -5.49 15.78 -32.88
CA GLY A 82 -5.68 15.39 -31.49
C GLY A 82 -5.51 16.53 -30.51
N ASN A 83 -5.26 17.76 -30.96
CA ASN A 83 -5.04 18.86 -30.00
C ASN A 83 -6.34 19.53 -29.60
N THR A 84 -6.53 19.76 -28.31
CA THR A 84 -7.74 20.43 -27.88
C THR A 84 -7.58 21.90 -28.21
N ILE A 85 -8.52 22.45 -28.99
CA ILE A 85 -8.40 23.84 -29.39
C ILE A 85 -9.44 24.76 -28.73
N ALA A 86 -10.55 24.21 -28.22
CA ALA A 86 -11.53 25.07 -27.53
C ALA A 86 -12.21 24.17 -26.51
N SER A 87 -12.68 24.74 -25.41
CA SER A 87 -13.21 23.86 -24.39
C SER A 87 -14.05 24.62 -23.37
N SER A 88 -15.07 23.96 -22.83
CA SER A 88 -15.89 24.59 -21.79
C SER A 88 -15.07 24.92 -20.55
N ASN A 89 -13.94 24.23 -20.34
CA ASN A 89 -13.13 24.48 -19.13
C ASN A 89 -11.93 25.38 -19.35
N TRP A 90 -12.01 26.18 -20.42
CA TRP A 90 -10.92 27.05 -20.82
C TRP A 90 -10.49 28.02 -19.71
N ASN A 91 -11.46 28.36 -18.86
N ASN A 91 -11.37 28.38 -18.80
CA ASN A 91 -11.31 29.30 -17.74
CA ASN A 91 -10.92 29.33 -17.78
C ASN A 91 -11.23 28.63 -16.37
C ASN A 91 -10.83 28.66 -16.41
N LEU A 92 -10.91 27.33 -16.37
CA LEU A 92 -10.82 26.58 -15.10
C LEU A 92 -9.39 26.04 -14.90
N ASP A 93 -9.08 25.63 -13.67
CA ASP A 93 -7.77 25.08 -13.35
C ASP A 93 -7.53 23.83 -14.24
N ARG A 94 -8.58 23.05 -14.48
CA ARG A 94 -8.42 21.79 -15.27
C ARG A 94 -8.44 22.00 -16.77
N SER A 95 -8.32 23.23 -17.24
CA SER A 95 -8.36 23.46 -18.69
C SER A 95 -7.67 22.41 -19.54
N PHE A 96 -8.41 21.94 -20.55
CA PHE A 96 -7.88 20.95 -21.45
C PHE A 96 -7.24 21.63 -22.65
N ILE A 97 -7.30 22.96 -22.73
CA ILE A 97 -6.77 23.65 -23.93
C ILE A 97 -5.28 23.34 -24.15
N GLY A 98 -4.94 22.93 -25.37
CA GLY A 98 -3.53 22.67 -25.66
C GLY A 98 -3.11 21.24 -25.40
N ARG A 99 -3.96 20.45 -24.75
CA ARG A 99 -3.55 19.06 -24.44
C ARG A 99 -3.96 18.20 -25.61
N ASN A 100 -3.14 17.19 -25.92
CA ASN A 100 -3.41 16.32 -27.06
C ASN A 100 -3.98 14.99 -26.57
N PHE A 101 -5.09 14.52 -27.18
CA PHE A 101 -5.72 13.26 -26.75
C PHE A 101 -5.80 12.24 -27.90
N ALA A 102 -4.84 12.34 -28.84
CA ALA A 102 -4.88 11.39 -29.99
C ALA A 102 -4.72 9.98 -29.49
N TRP A 103 -4.12 9.82 -28.30
CA TRP A 103 -3.90 8.52 -27.68
C TRP A 103 -5.18 7.92 -27.06
N ARG A 104 -6.24 8.72 -26.95
CA ARG A 104 -7.48 8.19 -26.37
C ARG A 104 -8.33 7.50 -27.41
N PRO A 105 -8.92 6.36 -27.06
CA PRO A 105 -9.77 5.68 -28.06
C PRO A 105 -10.92 6.53 -28.58
N TYR A 106 -11.53 7.37 -27.74
CA TYR A 106 -12.64 8.13 -28.28
C TYR A 106 -12.20 9.07 -29.39
N PHE A 107 -10.95 9.54 -29.39
CA PHE A 107 -10.55 10.43 -30.45
C PHE A 107 -10.16 9.52 -31.66
N TYR A 108 -9.38 8.49 -31.40
CA TYR A 108 -8.91 7.59 -32.47
C TYR A 108 -10.09 7.06 -33.28
N LEU A 109 -11.14 6.62 -32.55
CA LEU A 109 -12.30 6.08 -33.27
C LEU A 109 -13.15 7.14 -33.93
N SER A 110 -13.32 8.29 -33.29
CA SER A 110 -14.19 9.27 -33.95
C SER A 110 -13.55 10.07 -35.06
N ILE A 111 -12.21 10.19 -35.06
CA ILE A 111 -11.59 10.95 -36.14
C ILE A 111 -11.70 10.11 -37.40
N ALA A 112 -12.08 8.84 -37.23
CA ALA A 112 -12.27 7.93 -38.41
C ALA A 112 -13.72 8.07 -38.93
N GLY A 113 -14.47 8.98 -38.33
CA GLY A 113 -15.82 9.25 -38.83
C GLY A 113 -17.00 8.59 -38.17
N GLN A 114 -16.81 7.97 -37.01
N GLN A 114 -16.75 7.95 -37.02
CA GLN A 114 -17.94 7.37 -36.34
CA GLN A 114 -17.76 7.22 -36.25
C GLN A 114 -18.13 7.98 -34.99
C GLN A 114 -18.06 7.82 -34.89
N LYS A 115 -19.31 7.76 -34.46
CA LYS A 115 -19.62 8.22 -33.11
C LYS A 115 -18.86 7.20 -32.27
N SER A 116 -18.38 7.58 -31.08
CA SER A 116 -17.74 6.60 -30.23
C SER A 116 -18.06 6.96 -28.80
N GLN A 117 -17.86 5.99 -27.90
CA GLN A 117 -18.08 6.26 -26.48
C GLN A 117 -16.99 5.54 -25.71
N TYR A 118 -16.71 6.00 -24.48
CA TYR A 118 -15.59 5.42 -23.74
C TYR A 118 -15.70 5.84 -22.29
N PHE A 119 -15.04 5.11 -21.37
CA PHE A 119 -15.05 5.56 -19.97
C PHE A 119 -13.61 5.49 -19.52
N ALA A 120 -13.21 6.39 -18.62
CA ALA A 120 -11.83 6.42 -18.20
C ALA A 120 -11.64 7.31 -17.01
N LEU A 121 -10.41 7.23 -16.48
CA LEU A 121 -9.99 8.17 -15.43
C LEU A 121 -9.35 9.32 -16.18
N GLY A 122 -9.90 10.54 -16.05
CA GLY A 122 -9.42 11.71 -16.75
C GLY A 122 -7.98 12.09 -16.48
N SER A 123 -7.22 12.32 -17.56
CA SER A 123 -5.80 12.63 -17.44
C SER A 123 -5.45 14.02 -16.97
N THR A 124 -6.28 14.99 -17.26
CA THR A 124 -5.94 16.37 -16.85
C THR A 124 -6.69 16.68 -15.59
N SER A 125 -7.94 16.24 -15.55
CA SER A 125 -8.83 16.47 -14.41
C SER A 125 -8.59 15.54 -13.21
N GLY A 126 -8.19 14.30 -13.47
CA GLY A 126 -8.07 13.34 -12.39
C GLY A 126 -9.45 12.83 -11.95
N GLN A 127 -10.45 13.07 -12.79
CA GLN A 127 -11.82 12.67 -12.50
C GLN A 127 -12.33 11.63 -13.47
N ARG A 128 -13.03 10.60 -12.97
CA ARG A 128 -13.57 9.62 -13.92
C ARG A 128 -14.68 10.27 -14.76
N GLY A 129 -14.90 9.73 -15.95
CA GLY A 129 -15.98 10.22 -16.77
C GLY A 129 -16.44 9.19 -17.78
N TYR A 130 -17.62 9.45 -18.34
CA TYR A 130 -18.09 8.65 -19.46
C TYR A 130 -17.99 9.68 -20.61
N TYR A 131 -17.38 9.26 -21.73
CA TYR A 131 -17.13 10.17 -22.84
C TYR A 131 -17.89 9.80 -24.09
N TYR A 132 -18.53 10.81 -24.72
CA TYR A 132 -19.17 10.59 -26.03
C TYR A 132 -18.44 11.49 -27.03
N ALA A 133 -18.11 10.95 -28.20
CA ALA A 133 -17.37 11.76 -29.18
C ALA A 133 -18.01 11.60 -30.55
N TYR A 134 -17.82 12.61 -31.39
CA TYR A 134 -18.44 12.56 -32.72
C TYR A 134 -17.58 13.38 -33.66
N PRO A 135 -17.44 12.92 -34.92
CA PRO A 135 -16.62 13.70 -35.87
C PRO A 135 -17.27 15.03 -36.30
N VAL A 136 -16.45 16.07 -36.47
CA VAL A 136 -16.98 17.33 -37.00
C VAL A 136 -16.70 17.25 -38.51
N ILE A 137 -17.78 17.28 -39.30
CA ILE A 137 -17.66 17.11 -40.74
C ILE A 137 -18.19 18.36 -41.49
N TYR A 138 -17.38 18.90 -42.40
CA TYR A 138 -17.80 20.07 -43.18
C TYR A 138 -17.21 19.90 -44.60
N ALA A 139 -18.02 20.17 -45.61
CA ALA A 139 -17.60 20.04 -47.01
C ALA A 139 -17.03 18.63 -47.25
N ALA A 140 -17.72 17.66 -46.66
CA ALA A 140 -17.43 16.22 -46.77
C ALA A 140 -16.10 15.79 -46.18
N GLU A 141 -15.52 16.64 -45.35
CA GLU A 141 -14.22 16.32 -44.77
C GLU A 141 -14.31 16.25 -43.25
N ILE A 142 -13.56 15.34 -42.64
CA ILE A 142 -13.55 15.30 -41.17
C ILE A 142 -12.50 16.32 -40.75
N LEU A 143 -12.91 17.31 -39.96
CA LEU A 143 -12.02 18.38 -39.51
C LEU A 143 -11.59 18.26 -38.04
N GLY A 144 -12.25 17.39 -37.27
CA GLY A 144 -11.90 17.30 -35.85
C GLY A 144 -12.94 16.45 -35.13
N VAL A 145 -12.95 16.54 -33.81
CA VAL A 145 -13.85 15.70 -33.01
C VAL A 145 -14.38 16.56 -31.86
N ILE A 146 -15.68 16.42 -31.59
CA ILE A 146 -16.27 17.13 -30.44
C ILE A 146 -16.59 16.03 -29.38
N VAL A 147 -16.30 16.35 -28.12
CA VAL A 147 -16.43 15.38 -27.01
C VAL A 147 -17.23 15.97 -25.88
N VAL A 148 -18.10 15.14 -25.30
CA VAL A 148 -18.81 15.58 -24.09
C VAL A 148 -18.40 14.52 -23.02
N LYS A 149 -17.96 14.99 -21.84
CA LYS A 149 -17.59 14.09 -20.74
C LYS A 149 -18.61 14.30 -19.63
N MSE A 150 -19.17 13.17 -19.19
CA MSE A 150 -20.21 13.16 -18.14
C MSE A 150 -19.61 12.63 -16.85
O MSE A 150 -18.92 11.62 -16.85
CB MSE A 150 -21.39 12.22 -18.56
CG MSE A 150 -22.57 12.34 -17.62
SE MSE A 150 -23.72 10.74 -17.89
CE MSE A 150 -22.54 9.43 -17.02
N ASP A 151 -19.91 13.32 -15.74
CA ASP A 151 -19.45 12.91 -14.40
C ASP A 151 -20.32 11.69 -14.09
N LEU A 152 -19.79 10.79 -13.28
CA LEU A 152 -20.50 9.54 -12.93
C LEU A 152 -21.36 9.60 -11.68
N SER A 153 -21.35 10.71 -10.97
CA SER A 153 -22.14 10.78 -9.71
C SER A 153 -23.61 10.48 -9.81
N ALA A 154 -24.30 11.02 -10.83
CA ALA A 154 -25.73 10.75 -10.89
C ALA A 154 -26.00 9.25 -11.07
N ILE A 155 -25.11 8.55 -11.78
CA ILE A 155 -25.30 7.09 -11.93
C ILE A 155 -25.07 6.42 -10.58
N GLU A 156 -23.89 6.61 -9.99
CA GLU A 156 -23.61 5.96 -8.72
C GLU A 156 -24.60 6.32 -7.63
N GLN A 157 -25.10 7.56 -7.65
CA GLN A 157 -26.06 7.99 -6.63
C GLN A 157 -27.43 7.33 -6.78
N GLY A 158 -27.68 6.73 -7.94
CA GLY A 158 -28.92 6.02 -8.19
C GLY A 158 -28.99 4.67 -7.50
N TRP A 159 -27.89 4.21 -6.93
CA TRP A 159 -27.91 2.92 -6.24
C TRP A 159 -28.34 3.23 -4.82
N GLN A 160 -29.53 2.84 -4.43
CA GLN A 160 -29.93 3.21 -3.08
C GLN A 160 -30.11 2.08 -2.12
N ASN A 161 -29.90 0.87 -2.59
CA ASN A 161 -30.03 -0.26 -1.69
C ASN A 161 -28.98 -0.27 -0.58
N LYS A 162 -29.42 -0.49 0.66
CA LYS A 162 -28.48 -0.55 1.76
C LYS A 162 -28.21 -1.99 2.19
N SER A 163 -28.81 -2.96 1.48
CA SER A 163 -28.61 -4.37 1.80
C SER A 163 -27.83 -5.13 0.72
N SER A 164 -27.42 -4.43 -0.33
CA SER A 164 -26.67 -5.07 -1.44
C SER A 164 -25.79 -3.97 -2.06
N TYR A 165 -24.81 -4.40 -2.83
CA TYR A 165 -23.85 -3.48 -3.43
C TYR A 165 -23.82 -3.67 -4.90
N PHE A 166 -23.32 -2.66 -5.61
CA PHE A 166 -23.15 -2.92 -7.05
C PHE A 166 -21.74 -2.55 -7.47
N VAL A 167 -21.28 -3.20 -8.54
CA VAL A 167 -20.03 -2.73 -9.16
C VAL A 167 -20.31 -2.75 -10.67
N ALA A 168 -19.57 -1.93 -11.43
CA ALA A 168 -19.65 -1.96 -12.90
C ALA A 168 -18.24 -2.33 -13.28
N THR A 169 -18.06 -3.46 -13.96
CA THR A 169 -16.71 -3.94 -14.30
C THR A 169 -16.41 -3.89 -15.80
N ASP A 170 -15.14 -3.65 -16.13
CA ASP A 170 -14.75 -3.64 -17.54
C ASP A 170 -14.33 -5.06 -17.93
N ASP A 171 -13.77 -5.19 -19.14
CA ASP A 171 -13.37 -6.52 -19.60
C ASP A 171 -12.32 -7.30 -18.81
N HIS A 172 -11.48 -6.62 -18.02
CA HIS A 172 -10.47 -7.28 -17.16
C HIS A 172 -10.99 -7.40 -15.74
N GLN A 173 -12.29 -7.14 -15.58
CA GLN A 173 -12.97 -7.14 -14.31
C GLN A 173 -12.47 -6.04 -13.40
N VAL A 174 -11.95 -4.96 -13.98
CA VAL A 174 -11.59 -3.83 -13.11
C VAL A 174 -12.91 -3.09 -12.76
N VAL A 175 -13.04 -2.74 -11.48
CA VAL A 175 -14.22 -2.02 -10.97
C VAL A 175 -14.08 -0.54 -11.31
N PHE A 176 -14.95 -0.05 -12.22
CA PHE A 176 -14.91 1.34 -12.66
C PHE A 176 -15.95 2.20 -11.92
N MSE A 177 -17.08 1.60 -11.49
CA MSE A 177 -18.09 2.31 -10.68
C MSE A 177 -18.46 1.35 -9.57
O MSE A 177 -18.40 0.16 -9.75
CB MSE A 177 -19.36 2.66 -11.48
CG MSE A 177 -19.06 3.77 -12.45
SE MSE A 177 -20.66 4.35 -13.37
CE MSE A 177 -20.97 2.89 -14.46
N SER A 178 -18.87 1.88 -8.41
CA SER A 178 -19.25 0.96 -7.34
C SER A 178 -19.97 1.73 -6.23
N SER A 179 -20.83 1.04 -5.48
CA SER A 179 -21.42 1.67 -4.31
C SER A 179 -20.43 1.58 -3.13
N GLN A 180 -19.30 0.87 -3.29
CA GLN A 180 -18.25 0.81 -2.25
C GLN A 180 -17.03 1.44 -2.95
N PRO A 181 -16.78 2.71 -2.69
CA PRO A 181 -15.66 3.41 -3.34
C PRO A 181 -14.27 2.84 -3.14
N ALA A 182 -14.09 2.10 -2.06
CA ALA A 182 -12.79 1.51 -1.79
C ALA A 182 -12.41 0.48 -2.85
N TRP A 183 -13.42 -0.06 -3.54
CA TRP A 183 -13.16 -1.10 -4.56
C TRP A 183 -12.83 -0.48 -5.94
N LEU A 184 -12.99 0.82 -6.09
CA LEU A 184 -12.67 1.47 -7.39
C LEU A 184 -11.25 1.20 -7.83
N PHE A 185 -11.06 0.91 -9.12
CA PHE A 185 -9.76 0.64 -9.70
C PHE A 185 -9.06 -0.64 -9.17
N HIS A 186 -9.83 -1.54 -8.56
CA HIS A 186 -9.29 -2.84 -8.15
C HIS A 186 -9.94 -3.86 -9.10
N SER A 187 -9.26 -4.96 -9.33
CA SER A 187 -9.88 -5.99 -10.16
C SER A 187 -10.64 -6.95 -9.25
N VAL A 188 -11.68 -7.59 -9.78
CA VAL A 188 -12.45 -8.49 -8.93
C VAL A 188 -11.60 -9.68 -8.52
N ALA A 189 -10.83 -10.20 -9.49
CA ALA A 189 -9.99 -11.38 -9.27
C ALA A 189 -8.56 -11.08 -9.68
N ASP A 190 -7.64 -11.98 -9.31
CA ASP A 190 -6.25 -11.76 -9.65
C ASP A 190 -6.01 -11.69 -11.17
N LEU A 191 -5.08 -10.80 -11.55
CA LEU A 191 -4.70 -10.59 -12.94
C LEU A 191 -3.21 -10.91 -13.09
N SER A 192 -2.81 -11.33 -14.27
CA SER A 192 -1.40 -11.66 -14.47
C SER A 192 -0.61 -10.39 -14.78
N PRO A 193 0.74 -10.43 -14.64
CA PRO A 193 1.55 -9.24 -14.94
C PRO A 193 1.31 -8.75 -16.35
N ALA A 194 1.05 -9.69 -17.24
CA ALA A 194 0.83 -9.32 -18.63
C ALA A 194 -0.49 -8.57 -18.75
N GLN A 195 -1.50 -9.00 -17.99
CA GLN A 195 -2.81 -8.35 -18.06
C GLN A 195 -2.69 -6.97 -17.48
N LEU A 196 -1.97 -6.87 -16.37
CA LEU A 196 -1.78 -5.56 -15.76
C LEU A 196 -0.98 -4.65 -16.68
N ASN A 197 -0.04 -5.20 -17.44
CA ASN A 197 0.74 -4.34 -18.33
C ASN A 197 -0.15 -3.80 -19.46
N ASP A 198 -1.06 -4.62 -19.96
CA ASP A 198 -1.98 -4.19 -21.02
C ASP A 198 -2.86 -3.06 -20.52
N ILE A 199 -3.35 -3.18 -19.27
CA ILE A 199 -4.20 -2.13 -18.73
C ILE A 199 -3.40 -0.85 -18.60
N ARG A 200 -2.16 -0.98 -18.10
CA ARG A 200 -1.33 0.19 -17.94
C ARG A 200 -1.05 0.86 -19.28
N GLN A 201 -0.73 0.08 -20.32
CA GLN A 201 -0.44 0.65 -21.62
C GLN A 201 -1.64 1.38 -22.22
N SER A 202 -2.84 0.87 -21.96
CA SER A 202 -4.05 1.52 -22.50
C SER A 202 -4.27 2.90 -21.93
N GLN A 203 -3.75 3.12 -20.73
CA GLN A 203 -3.91 4.38 -20.01
C GLN A 203 -5.36 4.73 -19.68
N GLN A 204 -6.24 3.73 -19.78
CA GLN A 204 -7.65 3.91 -19.45
C GLN A 204 -7.79 4.39 -18.02
N TYR A 205 -6.93 3.87 -17.12
CA TYR A 205 -6.92 4.30 -15.70
C TYR A 205 -5.57 4.95 -15.41
N LEU A 206 -5.00 5.65 -16.40
CA LEU A 206 -3.73 6.33 -16.28
C LEU A 206 -2.70 5.34 -15.70
N ASP A 207 -1.93 5.77 -14.69
CA ASP A 207 -0.92 4.89 -14.07
C ASP A 207 -1.42 4.29 -12.74
N SER A 208 -2.72 4.12 -12.63
CA SER A 208 -3.29 3.58 -11.41
C SER A 208 -2.84 2.19 -11.14
N PRO A 209 -2.43 1.93 -9.89
N PRO A 209 -2.45 1.92 -9.88
CA PRO A 209 -2.02 0.56 -9.60
CA PRO A 209 -2.03 0.54 -9.66
C PRO A 209 -3.40 -0.12 -9.60
C PRO A 209 -3.40 -0.13 -9.63
N ILE A 210 -3.45 -1.36 -10.07
CA ILE A 210 -4.73 -2.07 -10.09
C ILE A 210 -4.55 -3.27 -9.13
N PRO A 211 -4.87 -3.08 -7.84
CA PRO A 211 -4.71 -4.21 -6.92
C PRO A 211 -5.86 -5.15 -7.15
N SER A 212 -5.75 -6.35 -6.59
CA SER A 212 -6.82 -7.34 -6.74
C SER A 212 -7.66 -7.48 -5.48
N LEU A 213 -8.97 -7.61 -5.63
CA LEU A 213 -9.87 -7.81 -4.48
C LEU A 213 -9.79 -9.29 -4.04
N GLY A 214 -9.23 -10.12 -4.91
CA GLY A 214 -8.99 -11.51 -4.57
C GLY A 214 -10.15 -12.45 -4.49
N TRP A 215 -11.26 -12.14 -5.15
CA TRP A 215 -12.41 -13.04 -5.10
C TRP A 215 -12.23 -14.13 -6.15
N GLN A 216 -12.88 -15.26 -5.91
CA GLN A 216 -12.84 -16.38 -6.84
C GLN A 216 -14.26 -16.70 -7.16
N GLY A 217 -14.51 -17.11 -8.41
CA GLY A 217 -15.85 -17.44 -8.84
C GLY A 217 -15.99 -17.31 -10.34
N ASP A 218 -17.15 -17.71 -10.85
CA ASP A 218 -17.40 -17.63 -12.30
C ASP A 218 -17.84 -16.22 -12.63
N LEU A 219 -16.91 -15.43 -13.15
CA LEU A 219 -17.19 -14.03 -13.45
C LEU A 219 -17.97 -13.85 -14.75
N GLN A 220 -18.12 -14.96 -15.48
N GLN A 220 -18.17 -14.92 -15.51
CA GLN A 220 -18.83 -14.99 -16.75
CA GLN A 220 -18.94 -14.77 -16.73
C GLN A 220 -20.30 -15.43 -16.60
C GLN A 220 -20.40 -15.14 -16.52
N ALA A 221 -20.71 -15.75 -15.37
CA ALA A 221 -22.08 -16.23 -15.13
C ALA A 221 -23.08 -15.20 -14.74
N GLU A 222 -24.32 -15.36 -15.20
N GLU A 222 -24.32 -15.37 -15.20
CA GLU A 222 -25.32 -14.39 -14.84
CA GLU A 222 -25.36 -14.42 -14.86
C GLU A 222 -25.59 -14.49 -13.33
C GLU A 222 -25.65 -14.50 -13.35
N GLN A 223 -25.58 -15.71 -12.79
CA GLN A 223 -25.82 -15.90 -11.35
C GLN A 223 -24.68 -16.74 -10.83
N SER A 224 -23.94 -16.21 -9.85
CA SER A 224 -22.79 -16.95 -9.34
C SER A 224 -22.53 -16.61 -7.88
N GLU A 225 -21.35 -17.01 -7.38
CA GLU A 225 -20.95 -16.69 -5.99
C GLU A 225 -19.51 -16.31 -6.07
N TRP A 226 -19.13 -15.32 -5.27
CA TRP A 226 -17.74 -14.85 -5.20
C TRP A 226 -17.28 -15.23 -3.80
N ARG A 227 -16.15 -15.91 -3.71
CA ARG A 227 -15.64 -16.32 -2.40
C ARG A 227 -14.16 -16.07 -2.30
N LYS A 228 -13.64 -16.14 -1.07
CA LYS A 228 -12.21 -15.95 -0.85
C LYS A 228 -11.61 -17.36 -0.70
N PRO A 229 -10.30 -17.47 -0.94
CA PRO A 229 -9.60 -18.75 -0.82
C PRO A 229 -9.99 -19.43 0.48
N GLU A 230 -10.23 -20.73 0.43
CA GLU A 230 -10.61 -21.45 1.65
C GLU A 230 -9.58 -21.24 2.72
N LYS A 231 -10.05 -21.09 3.96
CA LYS A 231 -9.19 -20.87 5.10
C LYS A 231 -8.51 -19.50 5.14
N HIS A 232 -8.89 -18.62 4.22
N HIS A 232 -8.92 -18.62 4.23
CA HIS A 232 -8.34 -17.26 4.20
CA HIS A 232 -8.41 -17.24 4.16
C HIS A 232 -8.86 -16.61 5.48
C HIS A 232 -8.91 -16.58 5.46
N TRP A 233 -8.25 -15.51 5.91
CA TRP A 233 -8.65 -14.85 7.20
C TRP A 233 -9.97 -14.05 7.18
N LEU A 234 -10.52 -13.84 5.99
CA LEU A 234 -11.79 -13.14 5.90
C LEU A 234 -12.54 -13.84 4.81
N GLN A 235 -13.67 -14.41 5.15
CA GLN A 235 -14.46 -15.10 4.15
C GLN A 235 -15.69 -14.24 3.83
N ASP A 236 -15.48 -13.13 3.15
CA ASP A 236 -16.63 -12.30 2.80
C ASP A 236 -17.13 -12.80 1.44
N ASP A 237 -18.01 -13.79 1.48
CA ASP A 237 -18.53 -14.33 0.23
C ASP A 237 -19.87 -13.71 -0.11
N TYR A 238 -20.18 -13.73 -1.39
CA TYR A 238 -21.39 -13.08 -1.90
C TYR A 238 -22.14 -13.85 -2.93
N ILE A 239 -23.45 -13.61 -2.99
CA ILE A 239 -24.26 -14.17 -4.08
C ILE A 239 -24.26 -12.98 -5.10
N VAL A 240 -23.92 -13.25 -6.37
CA VAL A 240 -23.73 -12.14 -7.33
C VAL A 240 -24.50 -12.36 -8.62
N SER A 241 -25.32 -11.39 -9.01
CA SER A 241 -26.04 -11.48 -10.29
C SER A 241 -25.46 -10.44 -11.20
N SER A 242 -25.32 -10.78 -12.50
CA SER A 242 -24.65 -9.84 -13.40
C SER A 242 -25.44 -9.65 -14.66
N ARG A 243 -25.32 -8.43 -15.18
CA ARG A 243 -26.03 -8.01 -16.42
C ARG A 243 -25.05 -7.26 -17.33
N PRO A 244 -24.69 -7.87 -18.47
CA PRO A 244 -23.76 -7.12 -19.31
C PRO A 244 -24.55 -6.05 -20.06
N LEU A 245 -23.86 -4.94 -20.37
CA LEU A 245 -24.41 -3.83 -21.15
C LEU A 245 -23.35 -3.64 -22.26
N PRO A 246 -23.35 -4.53 -23.26
CA PRO A 246 -22.40 -4.52 -24.38
C PRO A 246 -22.08 -3.18 -25.01
N GLU A 247 -23.11 -2.35 -25.20
CA GLU A 247 -22.95 -1.03 -25.81
C GLU A 247 -22.02 -0.14 -25.02
N LEU A 248 -21.94 -0.40 -23.72
CA LEU A 248 -21.14 0.39 -22.80
C LEU A 248 -19.83 -0.26 -22.43
N ALA A 249 -19.68 -1.49 -22.87
CA ALA A 249 -18.51 -2.30 -22.59
C ALA A 249 -18.29 -2.37 -21.08
N LEU A 250 -19.41 -2.50 -20.36
N LEU A 250 -19.38 -2.59 -20.37
CA LEU A 250 -19.43 -2.61 -18.88
CA LEU A 250 -19.30 -2.77 -18.93
C LEU A 250 -20.48 -3.64 -18.43
C LEU A 250 -20.33 -3.83 -18.55
N THR A 251 -20.18 -4.38 -17.36
CA THR A 251 -21.14 -5.36 -16.84
C THR A 251 -21.55 -4.83 -15.45
N ILE A 252 -22.84 -4.77 -15.21
N ILE A 252 -22.84 -4.68 -15.19
CA ILE A 252 -23.37 -4.30 -13.90
CA ILE A 252 -23.25 -4.22 -13.86
C ILE A 252 -23.56 -5.54 -13.04
C ILE A 252 -23.59 -5.47 -13.03
N ARG A 253 -23.15 -5.48 -11.76
CA ARG A 253 -23.30 -6.64 -10.90
C ARG A 253 -23.83 -6.25 -9.57
N VAL A 254 -24.76 -7.03 -9.06
CA VAL A 254 -25.31 -6.74 -7.72
C VAL A 254 -24.79 -7.86 -6.81
N LEU A 255 -24.28 -7.46 -5.64
CA LEU A 255 -23.66 -8.39 -4.68
C LEU A 255 -24.40 -8.36 -3.37
N SER A 256 -24.80 -9.54 -2.88
CA SER A 256 -25.48 -9.68 -1.57
C SER A 256 -24.66 -10.64 -0.72
N PRO A 257 -24.33 -10.25 0.52
CA PRO A 257 -23.53 -11.15 1.38
C PRO A 257 -24.23 -12.50 1.49
N LYS A 258 -23.43 -13.57 1.40
CA LYS A 258 -24.00 -14.92 1.50
C LYS A 258 -24.08 -15.28 2.96
N ILE A 259 -25.32 -15.47 3.43
CA ILE A 259 -25.72 -15.79 4.80
C ILE A 259 -25.56 -14.56 5.67
N PHE B 3 37.15 21.59 11.07
CA PHE B 3 37.69 22.04 9.73
C PHE B 3 38.26 20.83 8.96
N GLN B 4 39.19 20.10 9.56
CA GLN B 4 39.78 18.91 8.91
C GLN B 4 38.62 17.94 8.61
N TYR B 5 38.57 17.38 7.39
CA TYR B 5 37.52 16.43 7.01
C TYR B 5 36.11 16.99 7.07
N GLN B 6 35.95 18.31 6.97
N GLN B 6 36.00 18.31 6.94
CA GLN B 6 34.60 18.87 7.06
CA GLN B 6 34.72 18.98 6.98
C GLN B 6 33.63 18.36 6.01
C GLN B 6 33.67 18.43 6.02
N ALA B 7 34.07 18.20 4.76
CA ALA B 7 33.14 17.69 3.77
C ALA B 7 32.63 16.31 4.10
N LEU B 8 33.54 15.45 4.54
CA LEU B 8 33.14 14.08 4.87
C LEU B 8 32.24 14.11 6.10
N LEU B 9 32.59 14.93 7.07
CA LEU B 9 31.77 14.99 8.30
C LEU B 9 30.37 15.51 7.98
N ASN B 10 30.27 16.42 7.02
CA ASN B 10 28.98 16.93 6.60
C ASN B 10 28.19 15.84 5.89
N GLU B 11 28.87 15.00 5.11
CA GLU B 11 28.15 13.91 4.43
C GLU B 11 27.69 12.89 5.47
N HIS B 12 28.52 12.63 6.48
CA HIS B 12 28.14 11.68 7.54
C HIS B 12 26.85 12.17 8.20
N GLN B 13 26.75 13.47 8.43
CA GLN B 13 25.50 13.98 9.08
C GLN B 13 24.26 13.70 8.26
N SER B 14 24.37 13.86 6.94
N SER B 14 24.37 13.92 6.96
CA SER B 14 23.21 13.62 6.07
CA SER B 14 23.26 13.70 6.07
C SER B 14 22.90 12.13 5.98
C SER B 14 22.85 12.24 6.16
N GLN B 15 23.93 11.31 6.16
N GLN B 15 23.86 11.37 6.04
CA GLN B 15 23.76 9.85 6.09
CA GLN B 15 23.65 9.94 6.08
C GLN B 15 23.12 9.34 7.39
C GLN B 15 22.95 9.50 7.37
N LEU B 16 23.46 9.98 8.49
CA LEU B 16 22.89 9.62 9.79
C LEU B 16 21.42 10.06 9.82
N ASP B 17 21.12 11.27 9.32
CA ASP B 17 19.72 11.71 9.28
C ASP B 17 18.85 10.74 8.43
N ARG B 18 19.29 10.43 7.22
CA ARG B 18 18.53 9.55 6.33
C ARG B 18 18.35 8.15 6.95
N PHE B 19 19.44 7.60 7.47
CA PHE B 19 19.35 6.25 8.03
C PHE B 19 18.50 6.23 9.28
N SER B 20 18.63 7.24 10.12
CA SER B 20 17.80 7.31 11.33
C SER B 20 16.32 7.32 10.93
N SER B 21 15.98 8.11 9.92
N SER B 21 15.98 8.11 9.92
CA SER B 21 14.62 8.19 9.44
CA SER B 21 14.60 8.18 9.48
C SER B 21 14.14 6.81 9.01
C SER B 21 14.12 6.82 8.98
N HIS B 22 14.99 6.09 8.30
CA HIS B 22 14.65 4.78 7.82
C HIS B 22 14.42 3.83 9.00
N ILE B 23 15.29 3.92 10.02
CA ILE B 23 15.14 3.03 11.17
C ILE B 23 13.77 3.30 11.80
N VAL B 24 13.47 4.57 12.07
CA VAL B 24 12.18 4.91 12.69
C VAL B 24 10.96 4.51 11.85
N ALA B 25 11.00 4.76 10.54
CA ALA B 25 9.89 4.39 9.66
C ALA B 25 9.67 2.88 9.65
N THR B 26 10.76 2.12 9.77
CA THR B 26 10.66 0.67 9.74
C THR B 26 10.09 0.17 11.06
N LEU B 27 10.60 0.66 12.19
CA LEU B 27 10.10 0.22 13.51
C LEU B 27 8.62 0.59 13.65
N ASP B 28 8.22 1.70 13.02
CA ASP B 28 6.82 2.14 13.13
C ASP B 28 5.83 1.17 12.49
N LYS B 29 6.31 0.25 11.66
CA LYS B 29 5.41 -0.71 11.02
C LYS B 29 5.11 -1.87 11.99
N TYR B 30 5.80 -1.88 13.12
CA TYR B 30 5.64 -3.00 14.07
C TYR B 30 5.33 -2.60 15.49
N ALA B 31 5.77 -1.40 15.87
CA ALA B 31 5.68 -0.99 17.26
C ALA B 31 4.31 -1.00 17.90
N HIS B 32 3.29 -0.73 17.09
CA HIS B 32 1.93 -0.66 17.61
C HIS B 32 1.16 -1.98 17.49
N ILE B 33 1.75 -3.00 16.86
CA ILE B 33 1.02 -4.25 16.67
C ILE B 33 0.70 -4.99 17.99
N PRO B 34 1.65 -5.06 18.94
CA PRO B 34 1.26 -5.77 20.18
C PRO B 34 0.00 -5.12 20.82
N HIS B 35 -0.03 -3.80 20.96
CA HIS B 35 -1.24 -3.19 21.56
C HIS B 35 -2.47 -3.55 20.68
N LEU B 36 -2.33 -3.41 19.35
CA LEU B 36 -3.43 -3.73 18.42
C LEU B 36 -4.09 -5.08 18.66
N ILE B 37 -3.29 -6.10 18.86
CA ILE B 37 -3.88 -7.43 19.07
C ILE B 37 -4.00 -7.89 20.50
N SER B 38 -3.45 -7.12 21.42
CA SER B 38 -3.38 -7.57 22.82
C SER B 38 -4.68 -8.00 23.46
N LYS B 39 -5.74 -7.26 23.21
CA LYS B 39 -7.01 -7.61 23.85
C LYS B 39 -7.90 -8.46 22.94
N ASP B 40 -7.39 -8.88 21.78
CA ASP B 40 -8.25 -9.68 20.89
C ASP B 40 -8.72 -10.97 21.58
N LYS B 41 -9.95 -11.37 21.27
CA LYS B 41 -10.57 -12.53 21.87
C LYS B 41 -9.70 -13.79 21.81
N GLU B 42 -9.04 -14.03 20.67
CA GLU B 42 -8.20 -15.23 20.54
C GLU B 42 -7.11 -15.26 21.61
N LEU B 43 -6.54 -14.10 21.90
CA LEU B 43 -5.44 -14.08 22.90
C LEU B 43 -5.95 -14.23 24.33
N VAL B 44 -6.98 -13.47 24.67
CA VAL B 44 -7.47 -13.52 26.06
C VAL B 44 -8.09 -14.91 26.30
N ASP B 45 -8.82 -15.45 25.31
CA ASP B 45 -9.43 -16.78 25.53
C ASP B 45 -8.37 -17.87 25.75
N ALA B 46 -7.23 -17.78 25.05
CA ALA B 46 -6.17 -18.80 25.24
C ALA B 46 -5.61 -18.65 26.64
N LEU B 47 -5.42 -17.41 27.10
CA LEU B 47 -4.84 -17.26 28.44
C LEU B 47 -5.82 -17.74 29.52
N LEU B 48 -7.12 -17.53 29.28
CA LEU B 48 -8.12 -17.98 30.30
C LEU B 48 -8.35 -19.50 30.31
N SER B 49 -8.07 -20.18 29.20
CA SER B 49 -8.28 -21.64 29.10
C SER B 49 -7.09 -22.27 28.38
N ALA B 50 -5.92 -22.11 28.95
CA ALA B 50 -4.72 -22.59 28.32
C ALA B 50 -4.61 -24.09 28.21
N GLN B 51 -5.43 -24.81 28.99
CA GLN B 51 -5.38 -26.27 28.92
C GLN B 51 -6.37 -26.84 27.92
N ASN B 52 -7.09 -25.95 27.22
CA ASN B 52 -8.06 -26.37 26.21
C ASN B 52 -7.30 -26.44 24.88
N SER B 53 -7.01 -27.66 24.40
CA SER B 53 -6.22 -27.74 23.19
C SER B 53 -6.88 -27.14 21.95
N ALA B 54 -8.20 -27.18 21.88
CA ALA B 54 -8.87 -26.62 20.71
C ALA B 54 -8.69 -25.08 20.70
N GLN B 55 -8.69 -24.47 21.88
CA GLN B 55 -8.48 -23.00 21.98
C GLN B 55 -7.06 -22.65 21.61
N ILE B 56 -6.10 -23.44 22.07
CA ILE B 56 -4.71 -23.15 21.70
C ILE B 56 -4.53 -23.26 20.16
N ASP B 57 -5.21 -24.22 19.54
N ASP B 57 -5.18 -24.23 19.52
CA ASP B 57 -5.14 -24.38 18.09
CA ASP B 57 -5.04 -24.33 18.08
C ASP B 57 -5.64 -23.11 17.37
C ASP B 57 -5.64 -23.09 17.36
N ILE B 58 -6.77 -22.60 17.83
CA ILE B 58 -7.38 -21.41 17.27
C ILE B 58 -6.41 -20.26 17.42
N THR B 59 -5.85 -20.11 18.62
CA THR B 59 -4.93 -18.99 18.83
C THR B 59 -3.63 -19.11 18.08
N ASN B 60 -3.06 -20.32 18.01
CA ASN B 60 -1.86 -20.52 17.22
C ASN B 60 -2.09 -20.09 15.77
N ARG B 61 -3.21 -20.53 15.22
N ARG B 61 -3.20 -20.54 15.19
CA ARG B 61 -3.53 -20.24 13.83
CA ARG B 61 -3.44 -20.21 13.79
C ARG B 61 -3.73 -18.74 13.59
C ARG B 61 -3.72 -18.72 13.57
N TYR B 62 -4.34 -18.07 14.57
CA TYR B 62 -4.57 -16.62 14.47
C TYR B 62 -3.21 -15.91 14.51
N LEU B 63 -2.34 -16.28 15.45
N LEU B 63 -2.34 -16.28 15.45
CA LEU B 63 -1.03 -15.62 15.50
CA LEU B 63 -1.03 -15.62 15.51
C LEU B 63 -0.23 -15.90 14.24
C LEU B 63 -0.24 -15.90 14.24
N GLU B 64 -0.39 -17.09 13.66
CA GLU B 64 0.33 -17.39 12.44
C GLU B 64 -0.16 -16.43 11.33
N GLN B 65 -1.46 -16.17 11.27
CA GLN B 65 -2.00 -15.26 10.25
C GLN B 65 -1.54 -13.83 10.48
N VAL B 66 -1.58 -13.39 11.73
CA VAL B 66 -1.13 -12.04 12.05
C VAL B 66 0.30 -11.85 11.65
N ASN B 67 1.13 -12.82 12.05
CA ASN B 67 2.55 -12.75 11.75
C ASN B 67 2.82 -12.64 10.25
N GLU B 68 2.02 -13.34 9.45
CA GLU B 68 2.18 -13.30 8.00
C GLU B 68 1.73 -11.95 7.43
N VAL B 69 0.64 -11.41 7.94
CA VAL B 69 0.14 -10.12 7.46
C VAL B 69 1.13 -8.99 7.76
N ILE B 70 1.70 -9.00 8.97
CA ILE B 70 2.63 -7.93 9.32
C ILE B 70 4.06 -8.20 8.91
N GLN B 71 4.31 -9.39 8.36
CA GLN B 71 5.64 -9.78 7.93
C GLN B 71 6.68 -9.67 9.03
N ALA B 72 6.32 -10.20 10.20
CA ALA B 72 7.27 -10.21 11.31
C ALA B 72 7.99 -11.56 11.31
N ALA B 73 9.00 -11.68 12.16
CA ALA B 73 9.72 -12.96 12.27
C ALA B 73 8.80 -13.91 13.07
N ASP B 74 8.31 -13.46 14.23
CA ASP B 74 7.48 -14.32 15.06
C ASP B 74 6.52 -13.50 15.89
N THR B 75 5.34 -14.05 16.19
CA THR B 75 4.38 -13.32 17.04
C THR B 75 3.91 -14.39 18.00
N TYR B 76 4.02 -14.14 19.32
CA TYR B 76 3.72 -15.21 20.28
C TYR B 76 3.19 -14.68 21.58
N LEU B 77 2.42 -15.55 22.23
CA LEU B 77 1.67 -15.22 23.44
C LEU B 77 2.25 -15.95 24.64
N ILE B 78 2.49 -15.19 25.70
CA ILE B 78 3.13 -15.71 26.91
C ILE B 78 2.24 -15.58 28.11
N ASP B 79 2.12 -16.66 28.89
CA ASP B 79 1.27 -16.57 30.09
C ASP B 79 1.90 -15.81 31.27
N ARG B 80 1.19 -15.73 32.37
CA ARG B 80 1.66 -14.90 33.46
C ARG B 80 2.94 -15.37 34.14
N PHE B 81 3.30 -16.64 33.90
CA PHE B 81 4.53 -17.20 34.46
C PHE B 81 5.72 -17.11 33.50
N GLY B 82 5.49 -16.65 32.26
CA GLY B 82 6.59 -16.56 31.30
C GLY B 82 6.54 -17.68 30.26
N ASN B 83 5.56 -18.59 30.36
CA ASN B 83 5.51 -19.71 29.41
C ASN B 83 4.84 -19.30 28.09
N THR B 84 5.45 -19.67 26.95
CA THR B 84 4.87 -19.35 25.65
C THR B 84 3.78 -20.39 25.44
N ILE B 85 2.54 -19.92 25.34
CA ILE B 85 1.42 -20.88 25.17
C ILE B 85 0.83 -20.94 23.79
N ALA B 86 1.10 -19.92 22.96
CA ALA B 86 0.59 -19.95 21.55
C ALA B 86 1.60 -19.18 20.72
N SER B 87 1.79 -19.54 19.45
CA SER B 87 2.85 -18.84 18.72
C SER B 87 2.69 -19.01 17.22
N SER B 88 3.06 -17.99 16.46
CA SER B 88 3.01 -18.09 14.99
C SER B 88 3.88 -19.20 14.44
N ASN B 89 4.88 -19.62 15.21
CA ASN B 89 5.79 -20.66 14.73
C ASN B 89 5.50 -22.04 15.31
N TRP B 90 4.27 -22.25 15.75
CA TRP B 90 3.89 -23.54 16.38
C TRP B 90 4.09 -24.76 15.46
N ASN B 91 4.09 -24.53 14.16
CA ASN B 91 4.24 -25.66 13.23
C ASN B 91 5.61 -25.69 12.57
N LEU B 92 6.56 -24.93 13.14
CA LEU B 92 7.91 -24.85 12.59
C LEU B 92 8.95 -25.54 13.48
N ASP B 93 10.14 -25.79 12.93
CA ASP B 93 11.17 -26.44 13.71
C ASP B 93 11.57 -25.58 14.93
N ARG B 94 11.56 -24.26 14.74
CA ARG B 94 11.95 -23.35 15.81
C ARG B 94 10.82 -23.02 16.77
N SER B 95 9.81 -23.90 16.89
CA SER B 95 8.66 -23.53 17.76
C SER B 95 9.00 -23.02 19.14
N PHE B 96 8.35 -21.92 19.53
CA PHE B 96 8.56 -21.33 20.84
C PHE B 96 7.61 -21.93 21.86
N ILE B 97 6.66 -22.75 21.43
CA ILE B 97 5.68 -23.33 22.37
C ILE B 97 6.33 -24.11 23.52
N GLY B 98 5.94 -23.77 24.76
CA GLY B 98 6.44 -24.52 25.91
C GLY B 98 7.79 -24.03 26.37
N ARG B 99 8.29 -22.95 25.79
CA ARG B 99 9.56 -22.38 26.22
C ARG B 99 9.24 -21.20 27.13
N ASN B 100 9.99 -21.08 28.25
CA ASN B 100 9.72 -19.96 29.19
C ASN B 100 10.76 -18.84 28.99
N PHE B 101 10.22 -17.61 28.83
CA PHE B 101 11.01 -16.42 28.63
C PHE B 101 10.86 -15.37 29.75
N ALA B 102 10.60 -15.82 30.97
CA ALA B 102 10.41 -14.86 32.05
C ALA B 102 11.68 -14.08 32.31
N TRP B 103 12.80 -14.63 31.84
CA TRP B 103 14.10 -14.00 32.03
C TRP B 103 14.38 -12.87 31.05
N ARG B 104 13.52 -12.72 30.04
CA ARG B 104 13.71 -11.65 29.04
C ARG B 104 13.00 -10.38 29.50
N PRO B 105 13.66 -9.22 29.36
CA PRO B 105 13.07 -7.95 29.80
C PRO B 105 11.74 -7.66 29.10
N TYR B 106 11.62 -8.01 27.81
CA TYR B 106 10.33 -7.71 27.17
C TYR B 106 9.19 -8.45 27.88
N PHE B 107 9.48 -9.57 28.55
CA PHE B 107 8.41 -10.23 29.28
C PHE B 107 8.27 -9.59 30.68
N TYR B 108 9.34 -9.53 31.46
CA TYR B 108 9.09 -9.05 32.83
C TYR B 108 8.71 -7.61 32.94
N LEU B 109 9.15 -6.80 32.00
CA LEU B 109 8.69 -5.41 32.00
C LEU B 109 7.21 -5.30 31.59
N SER B 110 6.76 -6.12 30.62
CA SER B 110 5.37 -6.00 30.24
C SER B 110 4.39 -6.74 31.15
N ILE B 111 4.84 -7.76 31.89
CA ILE B 111 3.90 -8.42 32.78
C ILE B 111 3.62 -7.47 33.98
N ALA B 112 4.44 -6.43 34.11
CA ALA B 112 4.24 -5.38 35.16
C ALA B 112 3.19 -4.39 34.69
N GLY B 113 2.66 -4.62 33.49
CA GLY B 113 1.60 -3.74 33.00
C GLY B 113 1.99 -2.63 32.06
N GLN B 114 3.24 -2.63 31.57
CA GLN B 114 3.69 -1.57 30.68
C GLN B 114 4.09 -2.08 29.31
N LYS B 115 4.06 -1.20 28.32
CA LYS B 115 4.54 -1.64 27.02
C LYS B 115 6.08 -1.68 27.11
N SER B 116 6.72 -2.59 26.39
CA SER B 116 8.17 -2.66 26.42
C SER B 116 8.75 -2.98 25.07
N GLN B 117 10.06 -2.79 24.93
N GLN B 117 10.06 -2.79 24.95
CA GLN B 117 10.73 -3.10 23.67
CA GLN B 117 10.75 -3.09 23.70
C GLN B 117 12.14 -3.53 24.03
C GLN B 117 12.11 -3.62 24.08
N TYR B 118 12.75 -4.37 23.19
CA TYR B 118 14.06 -4.91 23.52
C TYR B 118 14.71 -5.45 22.24
N PHE B 119 16.04 -5.54 22.20
CA PHE B 119 16.62 -6.17 21.03
C PHE B 119 17.53 -7.26 21.59
N ALA B 120 17.74 -8.31 20.83
CA ALA B 120 18.54 -9.42 21.33
C ALA B 120 18.79 -10.43 20.25
N LEU B 121 19.71 -11.34 20.54
CA LEU B 121 19.97 -12.49 19.67
C LEU B 121 18.97 -13.55 20.15
N GLY B 122 18.09 -14.03 19.27
CA GLY B 122 17.08 -15.02 19.65
C GLY B 122 17.64 -16.33 20.15
N SER B 123 17.12 -16.84 21.26
CA SER B 123 17.66 -18.08 21.83
C SER B 123 17.25 -19.38 21.16
N THR B 124 16.05 -19.40 20.61
CA THR B 124 15.52 -20.61 19.98
C THR B 124 15.83 -20.57 18.51
N SER B 125 15.55 -19.43 17.92
CA SER B 125 15.76 -19.19 16.51
C SER B 125 17.21 -19.03 16.08
N GLY B 126 18.03 -18.44 16.96
CA GLY B 126 19.42 -18.11 16.62
C GLY B 126 19.42 -16.83 15.74
N GLN B 127 18.26 -16.18 15.65
CA GLN B 127 18.13 -14.97 14.83
C GLN B 127 17.96 -13.70 15.63
N ARG B 128 18.59 -12.63 15.17
CA ARG B 128 18.47 -11.39 15.95
C ARG B 128 17.08 -10.83 15.75
N GLY B 129 16.60 -10.04 16.69
CA GLY B 129 15.33 -9.40 16.45
C GLY B 129 15.15 -8.18 17.30
N TYR B 130 14.16 -7.35 16.92
CA TYR B 130 13.77 -6.22 17.75
C TYR B 130 12.39 -6.72 18.26
N TYR B 131 12.19 -6.73 19.58
CA TYR B 131 10.96 -7.25 20.18
C TYR B 131 10.10 -6.15 20.78
N TYR B 132 8.81 -6.18 20.44
CA TYR B 132 7.85 -5.24 21.04
C TYR B 132 6.90 -6.10 21.85
N ALA B 133 6.57 -5.66 23.06
CA ALA B 133 5.69 -6.47 23.89
C ALA B 133 4.66 -5.61 24.58
N TYR B 134 3.54 -6.23 24.91
CA TYR B 134 2.47 -5.46 25.56
C TYR B 134 1.66 -6.37 26.48
N PRO B 135 1.19 -5.87 27.62
CA PRO B 135 0.41 -6.75 28.49
C PRO B 135 -0.98 -7.03 27.95
N VAL B 136 -1.47 -8.24 28.17
CA VAL B 136 -2.82 -8.63 27.77
C VAL B 136 -3.65 -8.47 29.05
N ILE B 137 -4.62 -7.56 29.01
CA ILE B 137 -5.41 -7.24 30.22
C ILE B 137 -6.88 -7.47 29.98
N TYR B 138 -7.54 -8.13 30.93
CA TYR B 138 -8.98 -8.38 30.81
C TYR B 138 -9.56 -8.45 32.23
N ALA B 139 -10.70 -7.80 32.42
CA ALA B 139 -11.37 -7.75 33.72
C ALA B 139 -10.36 -7.32 34.80
N ALA B 140 -9.60 -6.27 34.48
CA ALA B 140 -8.64 -5.71 35.43
C ALA B 140 -7.54 -6.66 35.91
N GLU B 141 -7.18 -7.61 35.08
CA GLU B 141 -6.15 -8.56 35.47
C GLU B 141 -5.13 -8.62 34.36
N ILE B 142 -3.84 -8.57 34.69
CA ILE B 142 -2.81 -8.73 33.65
C ILE B 142 -2.71 -10.26 33.52
N LEU B 143 -3.09 -10.77 32.35
CA LEU B 143 -3.10 -12.19 32.12
C LEU B 143 -1.88 -12.77 31.43
N GLY B 144 -1.13 -11.94 30.73
CA GLY B 144 0.02 -12.45 30.00
C GLY B 144 0.62 -11.33 29.18
N VAL B 145 1.45 -11.71 28.22
CA VAL B 145 2.14 -10.72 27.42
C VAL B 145 2.11 -11.17 25.95
N ILE B 146 1.84 -10.22 25.05
CA ILE B 146 1.90 -10.57 23.60
C ILE B 146 3.18 -9.92 23.05
N VAL B 147 3.88 -10.66 22.20
CA VAL B 147 5.18 -10.21 21.64
C VAL B 147 5.23 -10.31 20.15
N VAL B 148 5.79 -9.26 19.50
CA VAL B 148 6.04 -9.30 18.08
C VAL B 148 7.57 -9.14 17.94
N LYS B 149 8.20 -10.07 17.20
CA LYS B 149 9.63 -10.01 16.99
C LYS B 149 9.86 -9.64 15.54
N MSE B 150 10.58 -8.53 15.31
CA MSE B 150 10.88 -8.07 13.94
C MSE B 150 12.29 -8.46 13.55
O MSE B 150 13.24 -8.22 14.31
CB MSE B 150 10.76 -6.50 13.88
CG MSE B 150 10.79 -5.93 12.50
SE MSE B 150 11.24 -4.02 12.63
CE MSE B 150 13.14 -4.24 13.06
N ASP B 151 12.44 -9.00 12.35
CA ASP B 151 13.76 -9.36 11.83
C ASP B 151 14.43 -8.03 11.44
N LEU B 152 15.73 -8.02 11.44
CA LEU B 152 16.48 -6.79 11.17
C LEU B 152 16.94 -6.53 9.75
N SER B 153 16.68 -7.44 8.83
CA SER B 153 17.15 -7.23 7.46
C SER B 153 16.67 -5.95 6.82
N ALA B 154 15.38 -5.65 6.97
CA ALA B 154 14.84 -4.43 6.37
C ALA B 154 15.61 -3.19 6.83
N ILE B 155 15.98 -3.14 8.11
CA ILE B 155 16.78 -2.01 8.58
C ILE B 155 18.18 -2.06 7.96
N GLU B 156 18.86 -3.19 8.08
CA GLU B 156 20.23 -3.26 7.56
C GLU B 156 20.37 -3.03 6.07
N GLN B 157 19.43 -3.54 5.29
CA GLN B 157 19.48 -3.37 3.85
C GLN B 157 19.12 -1.95 3.45
N GLY B 158 18.71 -1.16 4.43
CA GLY B 158 18.36 0.23 4.16
C GLY B 158 19.62 1.09 4.06
N TRP B 159 20.74 0.59 4.57
CA TRP B 159 21.97 1.37 4.51
C TRP B 159 22.42 1.30 3.03
N GLN B 160 22.42 2.45 2.35
CA GLN B 160 22.77 2.45 0.94
C GLN B 160 24.07 3.18 0.63
N ASN B 161 25.15 2.65 1.16
CA ASN B 161 26.46 3.23 0.95
C ASN B 161 27.45 2.10 1.09
N LYS B 162 28.30 1.92 0.07
CA LYS B 162 29.29 0.86 0.11
C LYS B 162 30.64 1.46 0.53
N SER B 163 30.76 2.77 0.29
CA SER B 163 31.96 3.55 0.62
C SER B 163 32.15 3.75 2.12
N SER B 164 31.04 3.90 2.83
N SER B 164 31.04 3.95 2.85
CA SER B 164 31.13 4.06 4.27
CA SER B 164 31.13 4.12 4.31
C SER B 164 30.35 2.91 4.88
C SER B 164 30.28 3.02 4.93
N TYR B 165 30.68 2.57 6.10
CA TYR B 165 29.98 1.47 6.78
C TYR B 165 29.21 2.02 7.96
N PHE B 166 28.24 1.24 8.48
CA PHE B 166 27.56 1.69 9.71
C PHE B 166 27.59 0.55 10.72
N VAL B 167 27.56 0.92 11.99
CA VAL B 167 27.37 -0.07 13.06
C VAL B 167 26.33 0.57 14.00
N ALA B 168 25.55 -0.27 14.68
CA ALA B 168 24.59 0.24 15.67
C ALA B 168 25.13 -0.45 16.91
N THR B 169 25.59 0.33 17.88
CA THR B 169 26.21 -0.23 19.08
C THR B 169 25.34 -0.03 20.31
N ASP B 170 25.43 -1.01 21.22
CA ASP B 170 24.68 -0.89 22.48
C ASP B 170 25.53 -0.18 23.52
N ASP B 171 25.02 -0.12 24.75
CA ASP B 171 25.75 0.53 25.83
C ASP B 171 27.17 0.01 26.17
N HIS B 172 27.52 -1.23 25.80
CA HIS B 172 28.88 -1.77 26.02
C HIS B 172 29.68 -1.69 24.73
N GLN B 173 29.13 -0.97 23.75
CA GLN B 173 29.77 -0.80 22.47
C GLN B 173 29.79 -2.10 21.69
N VAL B 174 28.84 -2.99 21.99
CA VAL B 174 28.77 -4.20 21.18
C VAL B 174 27.99 -3.88 19.89
N VAL B 175 28.50 -4.33 18.75
CA VAL B 175 27.85 -4.13 17.47
C VAL B 175 26.67 -5.12 17.32
N PHE B 176 25.46 -4.57 17.29
CA PHE B 176 24.25 -5.39 17.16
C PHE B 176 23.76 -5.44 15.71
N MSE B 177 23.99 -4.36 14.95
CA MSE B 177 23.61 -4.32 13.52
C MSE B 177 24.79 -3.66 12.82
O MSE B 177 25.49 -2.87 13.42
CB MSE B 177 22.34 -3.46 13.29
CG MSE B 177 21.11 -4.08 13.90
SE MSE B 177 19.51 -3.09 13.32
CE MSE B 177 19.63 -1.62 14.44
N SER B 178 25.01 -4.03 11.56
CA SER B 178 26.09 -3.40 10.80
C SER B 178 25.95 -3.71 9.33
N SER B 179 26.59 -2.89 8.50
CA SER B 179 26.59 -3.15 7.09
C SER B 179 27.74 -4.18 6.82
N GLN B 180 28.54 -4.46 7.84
N GLN B 180 28.54 -4.46 7.84
CA GLN B 180 29.63 -5.43 7.72
CA GLN B 180 29.64 -5.45 7.75
C GLN B 180 29.25 -6.64 8.61
C GLN B 180 29.25 -6.65 8.62
N PRO B 181 28.72 -7.71 8.01
CA PRO B 181 28.32 -8.86 8.81
C PRO B 181 29.38 -9.46 9.73
N ALA B 182 30.64 -9.39 9.32
CA ALA B 182 31.74 -9.94 10.12
C ALA B 182 31.89 -9.25 11.47
N TRP B 183 31.38 -8.02 11.58
CA TRP B 183 31.53 -7.28 12.84
C TRP B 183 30.45 -7.54 13.88
N LEU B 184 29.37 -8.23 13.50
CA LEU B 184 28.31 -8.48 14.44
C LEU B 184 28.82 -9.19 15.68
N PHE B 185 28.27 -8.78 16.81
CA PHE B 185 28.59 -9.31 18.12
C PHE B 185 30.04 -9.13 18.55
N HIS B 186 30.73 -8.17 17.94
CA HIS B 186 32.10 -7.84 18.40
C HIS B 186 31.94 -6.50 19.12
N SER B 187 32.80 -6.18 20.07
CA SER B 187 32.72 -4.87 20.71
C SER B 187 33.64 -3.94 19.88
N VAL B 188 33.32 -2.65 19.82
CA VAL B 188 34.18 -1.70 19.04
C VAL B 188 35.57 -1.60 19.64
N ALA B 189 35.63 -1.56 20.97
CA ALA B 189 36.89 -1.44 21.71
C ALA B 189 37.00 -2.55 22.73
N ASP B 190 38.20 -2.74 23.27
CA ASP B 190 38.38 -3.79 24.27
C ASP B 190 37.49 -3.56 25.50
N LEU B 191 37.01 -4.67 26.06
CA LEU B 191 36.14 -4.71 27.24
C LEU B 191 36.84 -5.43 28.39
N SER B 192 36.50 -5.04 29.61
CA SER B 192 37.08 -5.65 30.79
C SER B 192 36.39 -6.98 31.12
N PRO B 193 37.03 -7.82 31.94
CA PRO B 193 36.37 -9.09 32.28
C PRO B 193 35.01 -8.84 32.94
N ALA B 194 34.90 -7.76 33.71
CA ALA B 194 33.65 -7.45 34.39
C ALA B 194 32.55 -7.04 33.40
N GLN B 195 32.92 -6.32 32.35
CA GLN B 195 31.90 -5.92 31.36
C GLN B 195 31.47 -7.15 30.58
N LEU B 196 32.42 -8.00 30.21
CA LEU B 196 32.10 -9.22 29.46
C LEU B 196 31.19 -10.11 30.29
N ASN B 197 31.45 -10.21 31.59
CA ASN B 197 30.61 -11.03 32.46
C ASN B 197 29.19 -10.46 32.50
N ASP B 198 29.11 -9.14 32.59
N ASP B 198 29.09 -9.14 32.58
CA ASP B 198 27.83 -8.43 32.62
CA ASP B 198 27.79 -8.47 32.62
C ASP B 198 27.04 -8.71 31.34
C ASP B 198 27.03 -8.75 31.33
N ILE B 199 27.72 -8.72 30.20
CA ILE B 199 27.06 -9.01 28.94
C ILE B 199 26.58 -10.47 28.95
N ARG B 200 27.45 -11.38 29.39
CA ARG B 200 27.07 -12.80 29.42
C ARG B 200 25.86 -13.05 30.34
N GLN B 201 25.87 -12.44 31.52
CA GLN B 201 24.77 -12.69 32.46
C GLN B 201 23.44 -12.14 31.95
N SER B 202 23.48 -11.01 31.24
CA SER B 202 22.25 -10.41 30.71
C SER B 202 21.56 -11.34 29.72
N GLN B 203 22.33 -12.22 29.09
CA GLN B 203 21.88 -13.14 28.04
C GLN B 203 21.30 -12.41 26.82
N GLN B 204 21.55 -11.11 26.72
CA GLN B 204 21.02 -10.36 25.57
C GLN B 204 21.62 -10.98 24.30
N TYR B 205 22.87 -11.49 24.36
CA TYR B 205 23.47 -12.16 23.21
C TYR B 205 23.81 -13.63 23.56
N LEU B 206 23.01 -14.19 24.46
CA LEU B 206 23.13 -15.56 24.90
C LEU B 206 24.61 -15.73 25.36
N ASP B 207 25.23 -16.82 24.93
CA ASP B 207 26.62 -17.11 25.32
C ASP B 207 27.64 -16.70 24.26
N SER B 208 27.30 -15.73 23.43
CA SER B 208 28.25 -15.25 22.39
C SER B 208 29.52 -14.75 23.07
N PRO B 209 30.68 -15.13 22.54
CA PRO B 209 32.01 -14.75 23.06
C PRO B 209 32.40 -13.25 23.16
N ILE B 210 31.91 -12.45 22.23
CA ILE B 210 32.20 -10.99 22.15
C ILE B 210 33.69 -10.63 21.98
N PRO B 211 34.24 -10.93 20.81
CA PRO B 211 35.65 -10.59 20.55
C PRO B 211 35.68 -9.06 20.36
N SER B 212 36.87 -8.47 20.36
CA SER B 212 36.99 -7.01 20.20
C SER B 212 37.54 -6.64 18.83
N LEU B 213 37.03 -5.53 18.27
CA LEU B 213 37.53 -5.06 16.98
C LEU B 213 38.83 -4.28 17.21
N GLY B 214 39.08 -3.98 18.47
CA GLY B 214 40.31 -3.34 18.86
C GLY B 214 40.55 -1.90 18.50
N TRP B 215 39.47 -1.13 18.30
CA TRP B 215 39.64 0.27 17.97
C TRP B 215 39.79 1.08 19.24
N GLN B 216 40.48 2.20 19.09
CA GLN B 216 40.66 3.11 20.22
C GLN B 216 40.23 4.46 19.73
N GLY B 217 39.52 5.22 20.56
CA GLY B 217 39.08 6.54 20.11
C GLY B 217 38.04 7.03 21.11
N ASP B 218 37.54 8.24 20.94
CA ASP B 218 36.55 8.75 21.88
C ASP B 218 35.15 8.29 21.45
N LEU B 219 34.66 7.23 22.07
CA LEU B 219 33.37 6.65 21.69
C LEU B 219 32.16 7.49 22.02
N GLN B 220 32.37 8.50 22.86
CA GLN B 220 31.29 9.38 23.27
C GLN B 220 31.11 10.60 22.38
N ALA B 221 32.14 10.92 21.60
CA ALA B 221 32.13 12.08 20.73
C ALA B 221 31.31 11.89 19.44
N GLU B 222 30.58 12.93 19.05
CA GLU B 222 29.75 12.87 17.86
C GLU B 222 30.64 12.71 16.63
N GLN B 223 31.81 13.35 16.67
CA GLN B 223 32.79 13.22 15.56
C GLN B 223 34.11 12.80 16.17
N SER B 224 34.69 11.69 15.69
CA SER B 224 35.93 11.22 16.25
C SER B 224 36.75 10.45 15.21
N GLU B 225 37.93 10.02 15.61
CA GLU B 225 38.80 9.23 14.75
C GLU B 225 39.06 7.95 15.56
N TRP B 226 38.92 6.80 14.93
CA TRP B 226 39.19 5.52 15.57
C TRP B 226 40.48 4.98 14.98
N ARG B 227 41.36 4.43 15.82
CA ARG B 227 42.64 3.88 15.34
C ARG B 227 42.91 2.58 16.07
N LYS B 228 43.76 1.73 15.49
CA LYS B 228 44.12 0.47 16.13
C LYS B 228 45.58 0.55 16.55
N PRO B 229 45.96 -0.07 17.68
CA PRO B 229 47.36 0.01 18.09
C PRO B 229 48.30 -0.87 17.25
N GLU B 230 47.81 -1.99 16.75
CA GLU B 230 48.70 -2.83 15.95
C GLU B 230 48.80 -2.38 14.49
N LYS B 231 49.91 -2.71 13.84
CA LYS B 231 50.13 -2.32 12.46
C LYS B 231 49.49 -3.41 11.60
N HIS B 232 48.80 -3.00 10.55
CA HIS B 232 48.16 -3.96 9.67
C HIS B 232 48.63 -3.67 8.23
N TRP B 233 48.24 -4.54 7.33
CA TRP B 233 48.64 -4.37 5.93
C TRP B 233 48.04 -3.08 5.36
N LEU B 234 46.81 -2.75 5.75
CA LEU B 234 46.18 -1.52 5.24
C LEU B 234 45.78 -0.56 6.37
N GLN B 235 45.33 0.64 5.98
N GLN B 235 45.41 0.67 6.01
CA GLN B 235 44.89 1.66 6.93
CA GLN B 235 45.02 1.66 7.02
C GLN B 235 43.78 1.18 7.85
C GLN B 235 43.83 1.20 7.85
N ASP B 236 43.90 1.40 9.15
CA ASP B 236 42.82 1.00 10.02
C ASP B 236 42.31 2.21 10.78
N ASP B 237 42.69 3.40 10.32
CA ASP B 237 42.23 4.66 10.93
C ASP B 237 40.92 5.06 10.19
N TYR B 238 39.88 5.41 10.95
CA TYR B 238 38.61 5.78 10.37
C TYR B 238 38.13 7.08 10.98
N ILE B 239 37.37 7.80 10.18
CA ILE B 239 36.71 9.06 10.61
C ILE B 239 35.32 8.49 10.96
N VAL B 240 34.85 8.74 12.19
CA VAL B 240 33.58 8.15 12.66
C VAL B 240 32.62 9.20 13.23
N SER B 241 31.39 9.23 12.73
CA SER B 241 30.35 10.15 13.23
C SER B 241 29.29 9.28 13.89
N SER B 242 28.78 9.74 15.03
CA SER B 242 27.82 8.94 15.80
C SER B 242 26.58 9.72 16.19
N ARG B 243 25.46 9.01 16.30
CA ARG B 243 24.17 9.59 16.58
C ARG B 243 23.42 8.67 17.56
N PRO B 244 23.32 9.10 18.81
CA PRO B 244 22.60 8.23 19.76
C PRO B 244 21.11 8.24 19.45
N LEU B 245 20.42 7.15 19.81
CA LEU B 245 18.98 7.05 19.66
C LEU B 245 18.59 6.55 21.06
N PRO B 246 18.55 7.44 22.06
CA PRO B 246 18.22 7.14 23.46
C PRO B 246 16.98 6.26 23.69
N GLU B 247 15.93 6.49 22.91
CA GLU B 247 14.70 5.71 23.06
C GLU B 247 14.88 4.26 22.62
N LEU B 248 15.92 4.01 21.82
N LEU B 248 15.92 3.99 21.84
CA LEU B 248 16.22 2.68 21.32
CA LEU B 248 16.17 2.62 21.38
C LEU B 248 17.39 2.03 22.02
C LEU B 248 17.37 2.01 22.06
N ALA B 249 18.06 2.80 22.87
CA ALA B 249 19.23 2.37 23.60
C ALA B 249 20.27 1.85 22.61
N LEU B 250 20.39 2.49 21.44
CA LEU B 250 21.45 2.10 20.48
C LEU B 250 22.06 3.42 19.96
N THR B 251 23.30 3.37 19.45
CA THR B 251 23.92 4.56 18.87
C THR B 251 24.28 4.13 17.46
N ILE B 252 23.90 4.94 16.46
CA ILE B 252 24.23 4.63 15.08
C ILE B 252 25.54 5.35 14.76
N ARG B 253 26.47 4.68 14.08
CA ARG B 253 27.75 5.29 13.79
C ARG B 253 28.07 5.02 12.31
N VAL B 254 28.63 6.00 11.62
CA VAL B 254 29.02 5.78 10.22
C VAL B 254 30.55 5.93 10.25
N LEU B 255 31.24 5.01 9.57
CA LEU B 255 32.70 4.94 9.57
C LEU B 255 33.24 5.06 8.15
N SER B 256 34.24 5.92 7.95
CA SER B 256 34.84 6.04 6.61
C SER B 256 36.37 5.97 6.80
N PRO B 257 37.09 5.27 5.90
CA PRO B 257 38.54 5.28 6.17
C PRO B 257 39.14 6.70 6.03
N LYS B 258 40.16 6.98 6.82
CA LYS B 258 40.84 8.26 6.82
C LYS B 258 41.89 8.22 5.71
N ILE B 259 41.79 9.16 4.79
CA ILE B 259 42.75 9.20 3.65
C ILE B 259 43.32 10.60 3.66
N GLU B 260 44.64 10.72 3.68
CA GLU B 260 45.27 12.04 3.70
C GLU B 260 46.03 12.23 2.38
CA CA C . -25.98 21.24 -35.13
CA CA D . -20.80 -15.54 4.55
C1 SIN E . -9.79 14.63 -18.72
O1 SIN E . -10.92 14.03 -18.77
O2 SIN E . -9.27 14.98 -17.62
C2 SIN E . -9.01 14.95 -19.99
C3 SIN E . -9.50 14.11 -21.19
C4 SIN E . -9.06 12.66 -21.14
O3 SIN E . -9.43 11.89 -22.08
O4 SIN E . -8.38 12.26 -20.16
C1 SIN F . 13.83 -15.03 22.74
O1 SIN F . 14.97 -15.53 22.58
O2 SIN F . 13.61 -14.02 23.49
C2 SIN F . 12.64 -15.64 22.02
C3 SIN F . 13.08 -16.80 21.09
C4 SIN F . 13.79 -16.33 19.85
O3 SIN F . 14.51 -17.17 19.26
O4 SIN F . 13.64 -15.14 19.47
#